data_4EWL
#
_entry.id   4EWL
#
_cell.length_a   147.379
_cell.length_b   71.903
_cell.length_c   97.681
_cell.angle_alpha   90.00
_cell.angle_beta   128.29
_cell.angle_gamma   90.00
#
_symmetry.space_group_name_H-M   'C 1 2 1'
#
loop_
_entity.id
_entity.type
_entity.pdbx_description
1 polymer '1D-myo-inositol 2-acetamido-2-deoxy-alpha-D-glucopyranoside deacetylase'
2 non-polymer 2-{2-[2-(2-{2-[2-(2-ETHOXY-ETHOXY)-ETHOXY]-ETHOXY}-ETHOXY)-ETHOXY]-ETHOXY}-ETHANOL
3 non-polymer GLYCEROL
4 non-polymer 'ZINC ION'
5 non-polymer 'ACETATE ION'
6 water water
#
_entity_poly.entity_id   1
_entity_poly.type   'polypeptide(L)'
_entity_poly.pdbx_seq_one_letter_code
;MSETPRLLFVHAHPDDESLSNGATIAHYTSRGAQVHVVTCTLGEEGEVIGDRWAQLTADHADQLGGYRIGELTAALRALG
VSAPIYLGGAGRWRDSGMAGTDQRSQRRFVDADPRQTVGALVAIIRELRPHVVVTYDPNGGYGHPDHVHTHTVTTAAVAA
AGVGSGTADHPGDPWTVPKFYWTVLGLSALISGARALVPDDLRPEWVLPRADEIAFGYSDDGIDAVVEADEQARAAKVAA
LAAHATQVVVGPTGRAAALSNNLALPILADEHYVLAGGSAGARDERGWETDLLAGLGFT
;
_entity_poly.pdbx_strand_id   A,B
#
loop_
_chem_comp.id
_chem_comp.type
_chem_comp.name
_chem_comp.formula
ACT non-polymer 'ACETATE ION' 'C2 H3 O2 -1'
GOL non-polymer GLYCEROL 'C3 H8 O3'
PE4 non-polymer 2-{2-[2-(2-{2-[2-(2-ETHOXY-ETHOXY)-ETHOXY]-ETHOXY}-ETHOXY)-ETHOXY]-ETHOXY}-ETHANOL 'C16 H34 O8'
ZN non-polymer 'ZINC ION' 'Zn 2'
#
# COMPACT_ATOMS: atom_id res chain seq x y z
N MET A 1 -6.71 -6.33 -35.31
CA MET A 1 -5.50 -5.51 -34.92
C MET A 1 -5.94 -4.18 -34.27
N SER A 2 -5.51 -3.04 -34.83
CA SER A 2 -5.97 -1.67 -34.49
C SER A 2 -4.76 -0.72 -34.59
N GLU A 3 -4.89 0.53 -34.13
CA GLU A 3 -3.90 1.58 -34.55
C GLU A 3 -2.75 1.74 -33.55
N THR A 4 -3.03 2.03 -32.30
CA THR A 4 -1.98 2.00 -31.26
C THR A 4 -1.68 0.56 -30.85
N PRO A 5 -0.41 0.21 -30.75
CA PRO A 5 -0.07 -1.15 -30.31
C PRO A 5 -0.40 -1.41 -28.83
N ARG A 6 -0.71 -2.67 -28.54
CA ARG A 6 -1.16 -3.09 -27.24
C ARG A 6 -0.37 -4.32 -26.77
N LEU A 7 0.23 -4.23 -25.59
CA LEU A 7 1.05 -5.31 -25.07
C LEU A 7 0.63 -5.66 -23.64
N LEU A 8 0.69 -6.92 -23.31
CA LEU A 8 0.30 -7.40 -22.03
C LEU A 8 1.40 -8.31 -21.46
N PHE A 9 1.87 -7.99 -20.26
CA PHE A 9 2.89 -8.84 -19.54
C PHE A 9 2.23 -9.47 -18.37
N VAL A 10 2.29 -10.78 -18.27
CA VAL A 10 1.69 -11.48 -17.18
C VAL A 10 2.77 -12.03 -16.22
N HIS A 11 2.75 -11.52 -14.98
CA HIS A 11 3.75 -11.89 -13.97
C HIS A 11 3.15 -12.46 -12.71
N ALA A 12 4.02 -12.99 -11.86
CA ALA A 12 3.60 -13.74 -10.68
C ALA A 12 3.52 -12.83 -9.45
N HIS A 13 4.53 -11.95 -9.27
CA HIS A 13 4.70 -11.17 -8.05
C HIS A 13 5.03 -9.74 -8.37
N PRO A 14 4.78 -8.80 -7.42
CA PRO A 14 5.23 -7.46 -7.53
C PRO A 14 6.77 -7.39 -7.56
N ASP A 15 7.29 -6.87 -8.64
CA ASP A 15 8.69 -6.67 -8.96
C ASP A 15 9.11 -7.51 -10.17
N ASP A 16 8.46 -8.64 -10.37
CA ASP A 16 8.78 -9.50 -11.51
C ASP A 16 8.68 -8.68 -12.80
N GLU A 17 7.72 -7.76 -12.88
CA GLU A 17 7.53 -6.98 -14.09
C GLU A 17 8.69 -6.08 -14.37
N SER A 18 9.34 -5.59 -13.30
CA SER A 18 10.46 -4.64 -13.45
C SER A 18 11.75 -5.37 -13.62
N LEU A 19 11.95 -6.46 -12.86
CA LEU A 19 13.16 -7.28 -12.93
C LEU A 19 13.29 -7.93 -14.32
N SER A 20 12.19 -8.46 -14.83
CA SER A 20 12.17 -9.11 -16.17
C SER A 20 12.08 -8.14 -17.32
N ASN A 21 11.15 -7.21 -17.25
CA ASN A 21 10.72 -6.47 -18.45
C ASN A 21 10.62 -5.00 -18.26
N GLY A 22 11.29 -4.46 -17.23
CA GLY A 22 11.17 -3.05 -16.96
C GLY A 22 11.54 -2.16 -18.12
N ALA A 23 12.67 -2.47 -18.73
CA ALA A 23 13.18 -1.62 -19.81
C ALA A 23 12.28 -1.76 -21.08
N THR A 24 11.77 -2.96 -21.32
CA THR A 24 10.88 -3.23 -22.45
C THR A 24 9.55 -2.45 -22.26
N ILE A 25 8.99 -2.53 -21.04
CA ILE A 25 7.74 -1.80 -20.74
C ILE A 25 7.93 -0.31 -20.97
N ALA A 26 8.93 0.28 -20.35
CA ALA A 26 9.19 1.72 -20.50
C ALA A 26 9.46 2.11 -21.97
N HIS A 27 10.19 1.24 -22.66
CA HIS A 27 10.41 1.41 -24.09
C HIS A 27 9.12 1.65 -24.87
N TYR A 28 8.20 0.75 -24.72
CA TYR A 28 6.95 0.83 -25.46
C TYR A 28 5.98 1.89 -24.96
N THR A 29 5.90 2.11 -23.66
CA THR A 29 5.00 3.18 -23.13
C THR A 29 5.48 4.51 -23.61
N SER A 30 6.81 4.66 -23.73
CA SER A 30 7.34 5.98 -24.09
C SER A 30 7.10 6.28 -25.58
N ARG A 31 6.81 5.23 -26.34
CA ARG A 31 6.54 5.33 -27.76
C ARG A 31 5.03 5.34 -28.04
N GLY A 32 4.22 5.49 -26.99
CA GLY A 32 2.78 5.65 -27.14
C GLY A 32 2.04 4.36 -27.21
N ALA A 33 2.70 3.25 -26.96
CA ALA A 33 1.98 2.00 -26.91
C ALA A 33 1.15 1.87 -25.62
N GLN A 34 0.07 1.10 -25.68
CA GLN A 34 -0.74 0.78 -24.53
CA GLN A 34 -0.73 0.77 -24.52
C GLN A 34 -0.22 -0.53 -23.93
N VAL A 35 0.38 -0.43 -22.72
CA VAL A 35 0.94 -1.57 -22.04
C VAL A 35 0.26 -1.81 -20.72
N HIS A 36 -0.11 -3.03 -20.46
CA HIS A 36 -0.63 -3.39 -19.17
C HIS A 36 0.19 -4.52 -18.59
N VAL A 37 0.25 -4.55 -17.27
CA VAL A 37 0.78 -5.68 -16.51
C VAL A 37 -0.27 -6.35 -15.67
N VAL A 38 -0.41 -7.66 -15.74
CA VAL A 38 -1.19 -8.43 -14.85
C VAL A 38 -0.27 -9.15 -13.84
N THR A 39 -0.61 -9.04 -12.57
CA THR A 39 0.17 -9.63 -11.48
C THR A 39 -0.75 -10.64 -10.85
N CYS A 40 -0.30 -11.90 -10.70
CA CYS A 40 -1.16 -12.94 -10.32
C CYS A 40 -1.35 -13.09 -8.84
N THR A 41 -0.43 -12.49 -8.06
CA THR A 41 -0.50 -12.52 -6.60
C THR A 41 0.07 -11.29 -5.95
N LEU A 42 -0.28 -11.06 -4.67
CA LEU A 42 0.19 -9.85 -4.01
C LEU A 42 1.65 -9.99 -3.49
N GLY A 43 2.17 -11.20 -3.46
CA GLY A 43 3.54 -11.40 -2.94
C GLY A 43 3.53 -11.54 -1.42
N GLU A 44 2.48 -12.12 -0.86
CA GLU A 44 2.31 -12.22 0.56
C GLU A 44 3.51 -12.93 1.25
N GLU A 45 4.25 -13.76 0.50
CA GLU A 45 5.24 -14.67 1.13
C GLU A 45 6.65 -14.13 1.04
N GLY A 46 6.78 -12.92 0.61
CA GLY A 46 8.06 -12.32 0.43
C GLY A 46 8.82 -12.08 1.69
N GLU A 47 10.15 -12.00 1.57
CA GLU A 47 11.01 -11.51 2.64
C GLU A 47 10.97 -10.00 2.59
N VAL A 48 11.52 -9.36 3.60
CA VAL A 48 11.60 -7.92 3.61
C VAL A 48 13.07 -7.52 3.89
N ILE A 49 13.58 -6.59 3.10
CA ILE A 49 14.82 -5.95 3.38
C ILE A 49 14.58 -4.75 4.33
N GLY A 50 15.44 -4.60 5.35
CA GLY A 50 15.29 -3.46 6.27
C GLY A 50 14.37 -3.76 7.43
N ASP A 51 14.46 -2.96 8.47
CA ASP A 51 13.74 -3.24 9.73
C ASP A 51 12.34 -2.67 9.72
N ARG A 52 12.14 -1.57 9.02
CA ARG A 52 10.92 -0.81 9.16
C ARG A 52 9.65 -1.66 8.89
N TRP A 53 9.67 -2.44 7.81
CA TRP A 53 8.50 -3.27 7.47
C TRP A 53 8.69 -4.73 7.78
N ALA A 54 9.73 -5.08 8.57
CA ALA A 54 10.10 -6.49 8.76
C ALA A 54 9.03 -7.32 9.44
N GLN A 55 8.20 -6.70 10.27
CA GLN A 55 7.12 -7.42 10.95
C GLN A 55 5.87 -7.65 10.06
N LEU A 56 5.92 -7.20 8.84
CA LEU A 56 4.78 -7.48 7.89
C LEU A 56 4.83 -8.86 7.28
N THR A 57 5.95 -9.61 7.49
CA THR A 57 6.10 -10.88 6.82
C THR A 57 5.14 -11.89 7.39
N ALA A 58 4.95 -12.98 6.66
CA ALA A 58 3.95 -14.01 6.96
C ALA A 58 4.15 -14.65 8.29
N ASP A 59 5.39 -14.69 8.77
CA ASP A 59 5.65 -15.29 10.08
C ASP A 59 5.46 -14.30 11.25
N HIS A 60 5.07 -13.07 10.96
CA HIS A 60 4.77 -12.08 12.00
C HIS A 60 3.37 -11.54 11.79
N ALA A 61 3.23 -10.31 11.26
CA ALA A 61 1.87 -9.72 11.09
C ALA A 61 1.18 -10.25 9.86
N ASP A 62 1.96 -10.75 8.90
CA ASP A 62 1.42 -11.35 7.67
C ASP A 62 0.53 -10.39 6.91
N GLN A 63 1.09 -9.25 6.55
CA GLN A 63 0.39 -8.19 5.89
C GLN A 63 1.23 -7.63 4.70
N LEU A 64 2.23 -8.38 4.25
CA LEU A 64 3.18 -7.85 3.29
C LEU A 64 2.59 -7.60 1.91
N GLY A 65 1.71 -8.51 1.49
CA GLY A 65 1.05 -8.36 0.18
C GLY A 65 0.33 -7.03 0.02
N GLY A 66 -0.41 -6.62 1.05
CA GLY A 66 -1.15 -5.37 0.92
C GLY A 66 -0.23 -4.19 0.78
N TYR A 67 0.90 -4.22 1.50
CA TYR A 67 1.90 -3.18 1.44
C TYR A 67 2.52 -3.11 0.03
N ARG A 68 2.80 -4.26 -0.54
CA ARG A 68 3.48 -4.29 -1.85
C ARG A 68 2.61 -3.76 -2.98
N ILE A 69 1.32 -3.58 -2.71
CA ILE A 69 0.42 -2.96 -3.70
C ILE A 69 0.89 -1.59 -4.00
N GLY A 70 1.37 -0.88 -2.98
CA GLY A 70 1.83 0.49 -3.17
C GLY A 70 3.16 0.52 -3.92
N GLU A 71 4.03 -0.44 -3.57
CA GLU A 71 5.29 -0.56 -4.28
C GLU A 71 5.08 -0.86 -5.76
N LEU A 72 4.18 -1.79 -6.05
CA LEU A 72 3.91 -2.16 -7.44
C LEU A 72 3.33 -0.95 -8.17
N THR A 73 2.39 -0.23 -7.52
CA THR A 73 1.78 0.90 -8.13
C THR A 73 2.79 1.94 -8.51
N ALA A 74 3.77 2.20 -7.61
CA ALA A 74 4.79 3.17 -7.89
C ALA A 74 5.75 2.67 -9.00
N ALA A 75 6.05 1.41 -9.01
CA ALA A 75 6.97 0.84 -9.99
C ALA A 75 6.34 0.92 -11.37
N LEU A 76 5.06 0.55 -11.46
CA LEU A 76 4.36 0.63 -12.76
C LEU A 76 4.32 2.03 -13.25
N ARG A 77 4.08 2.98 -12.37
CA ARG A 77 4.06 4.40 -12.78
C ARG A 77 5.39 4.86 -13.33
N ALA A 78 6.46 4.43 -12.69
CA ALA A 78 7.79 4.74 -13.17
C ALA A 78 8.03 4.16 -14.61
N LEU A 79 7.40 3.03 -14.89
CA LEU A 79 7.47 2.39 -16.18
C LEU A 79 6.44 2.96 -17.20
N GLY A 80 5.63 3.90 -16.77
CA GLY A 80 4.63 4.52 -17.66
C GLY A 80 3.31 3.77 -17.71
N VAL A 81 3.07 2.89 -16.74
CA VAL A 81 1.87 2.05 -16.68
C VAL A 81 1.01 2.59 -15.51
N SER A 82 -0.29 2.80 -15.72
CA SER A 82 -1.07 3.67 -14.78
C SER A 82 -1.56 2.98 -13.57
N ALA A 83 -1.82 1.70 -13.64
CA ALA A 83 -2.35 0.99 -12.47
C ALA A 83 -2.03 -0.49 -12.57
N PRO A 84 -1.95 -1.17 -11.41
CA PRO A 84 -1.76 -2.60 -11.41
C PRO A 84 -3.04 -3.32 -11.77
N ILE A 85 -2.91 -4.56 -12.22
CA ILE A 85 -4.03 -5.41 -12.43
C ILE A 85 -3.73 -6.75 -11.79
N TYR A 86 -4.45 -7.10 -10.74
CA TYR A 86 -4.24 -8.34 -10.01
C TYR A 86 -5.20 -9.36 -10.49
N LEU A 87 -4.68 -10.50 -10.92
CA LEU A 87 -5.55 -11.53 -11.54
C LEU A 87 -6.63 -12.02 -10.57
N GLY A 88 -7.88 -11.95 -11.00
CA GLY A 88 -9.00 -12.37 -10.17
C GLY A 88 -9.36 -11.35 -9.10
N GLY A 89 -8.72 -10.20 -9.12
CA GLY A 89 -8.90 -9.20 -8.09
C GLY A 89 -7.76 -9.24 -7.06
N ALA A 90 -7.43 -8.08 -6.54
CA ALA A 90 -6.31 -8.00 -5.52
C ALA A 90 -6.59 -8.86 -4.32
N GLY A 91 -5.68 -9.78 -4.05
CA GLY A 91 -5.84 -10.74 -2.92
C GLY A 91 -6.53 -12.05 -3.25
N ARG A 92 -6.97 -12.23 -4.49
CA ARG A 92 -7.67 -13.48 -4.84
C ARG A 92 -6.83 -14.70 -4.59
N TRP A 93 -5.63 -14.76 -5.18
CA TRP A 93 -4.79 -15.95 -5.06
C TRP A 93 -3.41 -15.61 -4.45
N ARG A 94 -3.11 -16.28 -3.35
CA ARG A 94 -1.96 -15.97 -2.55
C ARG A 94 -0.65 -16.49 -3.18
N ASP A 95 0.37 -15.64 -3.12
CA ASP A 95 1.79 -16.04 -3.29
C ASP A 95 1.92 -17.45 -2.76
N SER A 96 2.45 -18.36 -3.57
CA SER A 96 2.54 -19.76 -3.17
C SER A 96 3.84 -20.13 -2.43
N GLY A 97 4.80 -19.21 -2.39
CA GLY A 97 6.00 -19.42 -1.68
C GLY A 97 7.11 -19.99 -2.57
N MET A 98 8.33 -19.81 -2.15
CA MET A 98 9.48 -20.33 -2.87
CA MET A 98 9.50 -20.35 -2.84
C MET A 98 9.43 -21.85 -2.97
N ALA A 99 10.14 -22.39 -3.95
CA ALA A 99 10.20 -23.81 -4.17
C ALA A 99 10.74 -24.50 -2.90
N GLY A 100 10.12 -25.58 -2.49
CA GLY A 100 10.62 -26.34 -1.40
C GLY A 100 10.07 -25.92 -0.06
N THR A 101 9.46 -24.74 0.03
CA THR A 101 8.91 -24.28 1.29
C THR A 101 7.50 -24.82 1.39
N ASP A 102 7.22 -25.56 2.46
CA ASP A 102 5.89 -26.11 2.65
C ASP A 102 5.07 -25.04 3.37
N GLN A 103 3.96 -24.67 2.76
CA GLN A 103 3.26 -23.45 3.05
C GLN A 103 1.86 -23.80 3.46
N ARG A 104 1.30 -22.98 4.34
CA ARG A 104 -0.08 -23.21 4.84
C ARG A 104 -0.96 -22.06 4.35
N SER A 105 -1.92 -22.40 3.52
CA SER A 105 -2.91 -21.50 3.05
C SER A 105 -3.83 -22.27 2.10
N GLN A 106 -5.12 -21.97 2.16
CA GLN A 106 -6.10 -22.60 1.28
C GLN A 106 -6.50 -21.72 0.13
N ARG A 107 -5.66 -20.75 -0.17
CA ARG A 107 -5.98 -19.77 -1.24
C ARG A 107 -4.78 -19.62 -2.22
N ARG A 108 -3.83 -20.56 -2.21
CA ARG A 108 -2.59 -20.42 -2.98
C ARG A 108 -2.90 -20.49 -4.46
N PHE A 109 -2.19 -19.68 -5.21
CA PHE A 109 -2.33 -19.60 -6.68
C PHE A 109 -2.06 -20.96 -7.32
N VAL A 110 -1.02 -21.65 -6.90
CA VAL A 110 -0.71 -22.96 -7.48
C VAL A 110 -1.83 -23.98 -7.27
N ASP A 111 -2.68 -23.76 -6.27
CA ASP A 111 -3.75 -24.64 -5.95
C ASP A 111 -5.09 -24.20 -6.55
N ALA A 112 -5.10 -23.08 -7.17
CA ALA A 112 -6.37 -22.47 -7.63
C ALA A 112 -7.02 -23.24 -8.83
N ASP A 113 -8.31 -23.16 -8.89
CA ASP A 113 -9.12 -23.83 -9.92
C ASP A 113 -8.77 -23.26 -11.28
N PRO A 114 -8.18 -24.08 -12.19
CA PRO A 114 -7.81 -23.50 -13.50
C PRO A 114 -8.97 -22.87 -14.22
N ARG A 115 -10.20 -23.32 -13.94
CA ARG A 115 -11.36 -22.75 -14.60
C ARG A 115 -11.44 -21.26 -14.25
N GLN A 116 -11.10 -20.94 -12.99
CA GLN A 116 -11.16 -19.58 -12.52
C GLN A 116 -9.97 -18.75 -12.92
N THR A 117 -8.79 -19.32 -12.75
CA THR A 117 -7.56 -18.53 -13.12
C THR A 117 -7.53 -18.28 -14.60
N VAL A 118 -7.68 -19.36 -15.39
CA VAL A 118 -7.68 -19.22 -16.85
C VAL A 118 -8.84 -18.36 -17.32
N GLY A 119 -10.01 -18.57 -16.74
CA GLY A 119 -11.17 -17.72 -17.05
C GLY A 119 -10.97 -16.29 -16.78
N ALA A 120 -10.29 -15.99 -15.66
CA ALA A 120 -10.01 -14.58 -15.33
C ALA A 120 -9.09 -13.95 -16.37
N LEU A 121 -8.08 -14.69 -16.77
CA LEU A 121 -7.06 -14.09 -17.68
C LEU A 121 -7.61 -14.02 -19.13
N VAL A 122 -8.47 -14.96 -19.47
CA VAL A 122 -9.18 -14.89 -20.81
C VAL A 122 -9.98 -13.62 -20.91
N ALA A 123 -10.67 -13.24 -19.85
CA ALA A 123 -11.46 -12.02 -19.83
C ALA A 123 -10.60 -10.82 -20.03
N ILE A 124 -9.46 -10.78 -19.34
CA ILE A 124 -8.52 -9.66 -19.53
C ILE A 124 -7.99 -9.61 -20.94
N ILE A 125 -7.62 -10.74 -21.47
CA ILE A 125 -7.09 -10.81 -22.86
C ILE A 125 -8.13 -10.29 -23.83
N ARG A 126 -9.34 -10.73 -23.65
CA ARG A 126 -10.45 -10.33 -24.54
C ARG A 126 -10.84 -8.88 -24.39
N GLU A 127 -10.61 -8.34 -23.20
CA GLU A 127 -10.90 -6.96 -22.96
C GLU A 127 -9.82 -6.07 -23.50
N LEU A 128 -8.56 -6.46 -23.31
CA LEU A 128 -7.41 -5.63 -23.71
C LEU A 128 -6.94 -5.93 -25.15
N ARG A 129 -7.29 -7.10 -25.62
CA ARG A 129 -6.91 -7.53 -26.97
C ARG A 129 -5.45 -7.18 -27.32
N PRO A 130 -4.50 -7.65 -26.50
CA PRO A 130 -3.09 -7.38 -26.70
C PRO A 130 -2.55 -8.00 -28.01
N HIS A 131 -1.79 -7.21 -28.75
CA HIS A 131 -1.08 -7.76 -29.91
C HIS A 131 0.07 -8.65 -29.50
N VAL A 132 0.68 -8.35 -28.37
CA VAL A 132 1.72 -9.18 -27.80
C VAL A 132 1.38 -9.54 -26.30
N VAL A 133 1.51 -10.80 -25.98
CA VAL A 133 1.47 -11.25 -24.64
C VAL A 133 2.87 -11.84 -24.26
N VAL A 134 3.33 -11.53 -23.04
CA VAL A 134 4.59 -11.98 -22.54
C VAL A 134 4.42 -12.62 -21.18
N THR A 135 5.00 -13.80 -20.96
CA THR A 135 5.11 -14.39 -19.63
C THR A 135 6.37 -15.27 -19.50
N TYR A 136 6.45 -16.07 -18.45
CA TYR A 136 7.67 -16.91 -18.19
C TYR A 136 7.70 -18.11 -19.14
N ASP A 137 8.88 -18.69 -19.28
CA ASP A 137 9.02 -19.95 -19.98
C ASP A 137 8.49 -21.07 -19.12
N PRO A 138 8.47 -22.30 -19.62
CA PRO A 138 7.81 -23.39 -18.87
C PRO A 138 8.42 -23.69 -17.51
N ASN A 139 9.68 -23.38 -17.32
CA ASN A 139 10.28 -23.63 -16.00
C ASN A 139 10.09 -22.43 -15.04
N GLY A 140 9.26 -21.46 -15.46
CA GLY A 140 9.02 -20.25 -14.65
C GLY A 140 10.26 -19.44 -14.38
N GLY A 141 11.16 -19.41 -15.34
CA GLY A 141 12.40 -18.67 -15.19
C GLY A 141 13.34 -19.41 -14.24
N TYR A 142 13.40 -19.00 -12.99
CA TYR A 142 14.29 -19.65 -11.99
C TYR A 142 13.59 -20.75 -11.22
N GLY A 143 12.38 -21.12 -11.62
CA GLY A 143 11.69 -22.27 -11.07
C GLY A 143 10.72 -21.96 -9.93
N HIS A 144 10.46 -20.68 -9.64
CA HIS A 144 9.48 -20.34 -8.60
C HIS A 144 8.09 -20.93 -8.99
N PRO A 145 7.43 -21.61 -8.07
CA PRO A 145 6.15 -22.28 -8.35
C PRO A 145 5.05 -21.40 -8.98
N ASP A 146 4.92 -20.16 -8.51
CA ASP A 146 4.00 -19.19 -9.13
C ASP A 146 4.43 -18.80 -10.53
N HIS A 147 5.71 -18.74 -10.78
CA HIS A 147 6.22 -18.42 -12.14
C HIS A 147 5.85 -19.53 -13.10
N VAL A 148 6.11 -20.76 -12.69
CA VAL A 148 5.67 -21.91 -13.49
C VAL A 148 4.13 -21.86 -13.69
N HIS A 149 3.40 -21.59 -12.60
CA HIS A 149 1.93 -21.59 -12.68
C HIS A 149 1.41 -20.48 -13.52
N THR A 150 2.07 -19.33 -13.45
CA THR A 150 1.70 -18.18 -14.27
C THR A 150 1.88 -18.56 -15.78
N HIS A 151 2.95 -19.27 -16.09
CA HIS A 151 3.17 -19.76 -17.46
C HIS A 151 2.06 -20.70 -17.92
N THR A 152 1.70 -21.65 -17.06
CA THR A 152 0.64 -22.62 -17.38
C THR A 152 -0.70 -21.97 -17.59
N VAL A 153 -1.07 -21.07 -16.67
CA VAL A 153 -2.30 -20.32 -16.79
C VAL A 153 -2.34 -19.46 -18.01
N THR A 154 -1.25 -18.72 -18.25
CA THR A 154 -1.21 -17.78 -19.35
C THR A 154 -1.24 -18.55 -20.73
N THR A 155 -0.52 -19.65 -20.80
CA THR A 155 -0.51 -20.45 -22.05
C THR A 155 -1.95 -20.94 -22.34
N ALA A 156 -2.65 -21.47 -21.34
CA ALA A 156 -3.98 -21.95 -21.49
C ALA A 156 -4.93 -20.84 -21.84
N ALA A 157 -4.72 -19.68 -21.23
CA ALA A 157 -5.59 -18.51 -21.49
C ALA A 157 -5.43 -17.99 -22.89
N VAL A 158 -4.18 -17.94 -23.37
CA VAL A 158 -3.92 -17.48 -24.74
C VAL A 158 -4.62 -18.44 -25.75
N ALA A 159 -4.59 -19.73 -25.47
CA ALA A 159 -5.22 -20.73 -26.34
C ALA A 159 -6.74 -20.62 -26.34
N ALA A 160 -7.33 -20.35 -25.18
CA ALA A 160 -8.77 -20.22 -25.04
C ALA A 160 -9.34 -18.93 -25.52
N ALA A 161 -8.55 -17.86 -25.49
CA ALA A 161 -9.11 -16.54 -25.67
C ALA A 161 -9.69 -16.35 -27.05
N GLY A 162 -9.03 -16.95 -28.08
CA GLY A 162 -9.50 -16.77 -29.45
C GLY A 162 -10.58 -17.74 -29.92
N VAL A 163 -11.03 -18.59 -29.05
CA VAL A 163 -12.00 -19.63 -29.35
C VAL A 163 -13.39 -19.20 -28.88
N GLY A 164 -14.37 -19.45 -29.72
CA GLY A 164 -15.75 -19.06 -29.47
C GLY A 164 -16.32 -19.68 -28.22
N SER A 165 -16.90 -18.85 -27.36
CA SER A 165 -17.59 -19.32 -26.17
C SER A 165 -18.84 -18.45 -25.92
N GLY A 166 -19.45 -18.60 -24.74
CA GLY A 166 -20.64 -17.81 -24.40
C GLY A 166 -21.91 -18.42 -24.96
N THR A 167 -23.04 -17.77 -24.72
CA THR A 167 -24.34 -18.31 -25.09
C THR A 167 -24.86 -17.57 -26.29
N ALA A 168 -26.01 -17.99 -26.78
CA ALA A 168 -26.68 -17.30 -27.90
C ALA A 168 -26.85 -15.78 -27.63
N ASP A 169 -27.28 -15.44 -26.41
CA ASP A 169 -27.58 -14.07 -26.02
C ASP A 169 -26.34 -13.37 -25.48
N HIS A 170 -25.35 -14.15 -25.03
CA HIS A 170 -24.10 -13.54 -24.54
C HIS A 170 -22.90 -14.16 -25.26
N PRO A 171 -22.75 -13.86 -26.57
CA PRO A 171 -21.62 -14.42 -27.31
C PRO A 171 -20.29 -13.88 -26.77
N GLY A 172 -19.29 -14.75 -26.69
CA GLY A 172 -17.96 -14.34 -26.29
C GLY A 172 -17.48 -13.34 -27.31
N ASP A 173 -16.49 -12.54 -26.92
CA ASP A 173 -15.79 -11.69 -27.87
C ASP A 173 -14.34 -12.20 -28.02
N PRO A 174 -14.13 -13.24 -28.84
CA PRO A 174 -12.84 -13.90 -28.93
C PRO A 174 -11.77 -13.02 -29.48
N TRP A 175 -10.53 -13.23 -28.99
CA TRP A 175 -9.38 -12.47 -29.48
C TRP A 175 -8.24 -13.46 -29.55
N THR A 176 -7.60 -13.54 -30.72
CA THR A 176 -6.51 -14.44 -30.92
C THR A 176 -5.25 -13.64 -30.84
N VAL A 177 -4.46 -13.86 -29.81
CA VAL A 177 -3.25 -13.05 -29.60
C VAL A 177 -2.29 -13.31 -30.77
N PRO A 178 -1.93 -12.25 -31.48
CA PRO A 178 -1.02 -12.36 -32.63
C PRO A 178 0.32 -12.91 -32.33
N LYS A 179 0.95 -12.45 -31.25
CA LYS A 179 2.31 -12.88 -30.91
C LYS A 179 2.47 -13.10 -29.39
N PHE A 180 3.00 -14.26 -29.04
CA PHE A 180 3.07 -14.72 -27.68
C PHE A 180 4.54 -15.06 -27.40
N TYR A 181 5.16 -14.34 -26.46
CA TYR A 181 6.58 -14.53 -26.10
C TYR A 181 6.80 -14.97 -24.67
N TRP A 182 7.87 -15.74 -24.46
CA TRP A 182 8.40 -16.02 -23.10
C TRP A 182 9.51 -15.06 -22.83
N THR A 183 9.43 -14.33 -21.72
CA THR A 183 10.53 -13.56 -21.27
C THR A 183 11.57 -14.52 -20.68
N VAL A 184 12.83 -14.38 -21.09
CA VAL A 184 13.86 -15.32 -20.55
C VAL A 184 15.13 -14.57 -20.18
N LEU A 185 15.99 -15.22 -19.40
CA LEU A 185 17.28 -14.66 -19.06
C LEU A 185 18.29 -14.94 -20.19
N GLY A 186 18.90 -13.90 -20.71
CA GLY A 186 19.98 -14.08 -21.69
C GLY A 186 21.31 -14.34 -20.96
N LEU A 187 21.82 -15.55 -21.10
CA LEU A 187 23.11 -15.92 -20.43
C LEU A 187 24.25 -14.97 -20.76
N SER A 188 24.48 -14.75 -22.03
CA SER A 188 25.63 -13.94 -22.48
C SER A 188 25.53 -12.46 -22.10
N ALA A 189 24.30 -11.92 -22.16
CA ALA A 189 24.10 -10.54 -21.88
C ALA A 189 24.35 -10.31 -20.36
N LEU A 190 23.99 -11.29 -19.55
CA LEU A 190 24.16 -11.21 -18.16
C LEU A 190 25.67 -11.25 -17.83
N ILE A 191 26.37 -12.24 -18.39
CA ILE A 191 27.83 -12.35 -18.20
C ILE A 191 28.48 -11.03 -18.57
N SER A 192 28.14 -10.51 -19.74
CA SER A 192 28.69 -9.24 -20.16
C SER A 192 28.37 -8.18 -19.09
N GLY A 193 27.16 -8.26 -18.53
CA GLY A 193 26.69 -7.23 -17.66
C GLY A 193 27.39 -7.26 -16.33
N ALA A 194 27.50 -8.43 -15.76
CA ALA A 194 28.22 -8.62 -14.51
C ALA A 194 29.68 -8.21 -14.64
N ARG A 195 30.30 -8.58 -15.77
CA ARG A 195 31.70 -8.26 -16.00
C ARG A 195 31.97 -6.80 -16.15
N ALA A 196 30.96 -6.02 -16.54
CA ALA A 196 31.14 -4.54 -16.65
C ALA A 196 30.96 -3.80 -15.28
N LEU A 197 30.54 -4.52 -14.25
CA LEU A 197 30.31 -3.87 -12.95
C LEU A 197 31.65 -3.56 -12.25
N VAL A 198 31.74 -2.36 -11.67
CA VAL A 198 32.91 -1.95 -10.84
C VAL A 198 32.51 -1.87 -9.37
N PRO A 199 33.51 -1.87 -8.46
CA PRO A 199 33.18 -1.89 -6.99
C PRO A 199 32.24 -0.72 -6.61
N ASP A 200 32.41 0.43 -7.25
CA ASP A 200 31.57 1.60 -6.98
C ASP A 200 30.09 1.29 -7.26
N ASP A 201 29.79 0.25 -8.03
CA ASP A 201 28.41 -0.11 -8.38
C ASP A 201 27.73 -0.84 -7.26
N LEU A 202 28.53 -1.42 -6.36
CA LEU A 202 27.99 -2.31 -5.34
C LEU A 202 27.91 -1.67 -3.96
N ARG A 203 26.97 -2.15 -3.17
CA ARG A 203 26.95 -1.88 -1.76
C ARG A 203 27.93 -2.85 -1.09
N PRO A 204 28.51 -2.43 0.03
CA PRO A 204 29.63 -3.21 0.61
C PRO A 204 29.20 -4.61 0.99
N GLU A 205 27.96 -4.80 1.42
CA GLU A 205 27.52 -6.12 1.90
C GLU A 205 27.12 -7.08 0.77
N TRP A 206 27.11 -6.60 -0.47
CA TRP A 206 26.75 -7.45 -1.63
C TRP A 206 27.89 -8.28 -2.09
N VAL A 207 27.60 -9.53 -2.45
CA VAL A 207 28.59 -10.38 -3.06
C VAL A 207 28.25 -10.66 -4.53
N LEU A 208 29.30 -10.67 -5.36
CA LEU A 208 29.16 -11.05 -6.75
C LEU A 208 28.85 -12.53 -6.87
N PRO A 209 27.94 -12.92 -7.75
CA PRO A 209 27.59 -14.30 -7.80
C PRO A 209 28.56 -15.08 -8.70
N ARG A 210 28.77 -16.36 -8.41
CA ARG A 210 29.61 -17.26 -9.25
C ARG A 210 28.72 -17.96 -10.29
N ALA A 211 29.33 -18.77 -11.16
CA ALA A 211 28.59 -19.52 -12.20
C ALA A 211 27.44 -20.37 -11.68
N ASP A 212 27.68 -21.08 -10.58
CA ASP A 212 26.72 -22.08 -10.08
C ASP A 212 25.40 -21.51 -9.59
N GLU A 213 25.45 -20.41 -8.85
CA GLU A 213 24.24 -19.80 -8.30
C GLU A 213 23.54 -18.93 -9.34
N ILE A 214 24.07 -18.90 -10.58
CA ILE A 214 23.40 -18.19 -11.68
C ILE A 214 23.59 -18.85 -13.06
N ALA A 215 22.63 -19.64 -13.54
CA ALA A 215 21.34 -19.93 -12.91
C ALA A 215 20.60 -20.76 -13.93
N PHE A 216 19.89 -20.06 -14.84
CA PHE A 216 19.21 -20.71 -15.96
C PHE A 216 19.18 -19.77 -17.18
N GLY A 217 20.33 -19.54 -17.81
CA GLY A 217 20.41 -18.57 -18.84
C GLY A 217 20.25 -19.25 -20.19
N TYR A 218 19.53 -18.61 -21.11
CA TYR A 218 19.40 -19.09 -22.47
C TYR A 218 20.65 -18.70 -23.26
N SER A 219 21.06 -19.60 -24.16
CA SER A 219 22.07 -19.26 -25.17
C SER A 219 21.49 -18.40 -26.30
N ASP A 220 22.41 -17.74 -27.04
CA ASP A 220 22.00 -16.86 -28.12
C ASP A 220 21.12 -17.62 -29.11
N ASP A 221 21.44 -18.90 -29.28
CA ASP A 221 20.72 -19.80 -30.18
C ASP A 221 19.28 -20.12 -29.69
N GLY A 222 19.08 -20.04 -28.39
CA GLY A 222 17.78 -20.31 -27.76
C GLY A 222 16.91 -19.06 -27.75
N ILE A 223 17.48 -17.93 -28.11
CA ILE A 223 16.76 -16.65 -28.01
C ILE A 223 16.25 -16.28 -29.40
N ASP A 224 15.04 -15.77 -29.47
CA ASP A 224 14.37 -15.38 -30.73
C ASP A 224 14.24 -13.88 -30.88
N ALA A 225 14.35 -13.13 -29.78
CA ALA A 225 14.10 -11.70 -29.84
C ALA A 225 14.71 -10.97 -28.67
N VAL A 226 15.00 -9.71 -28.89
CA VAL A 226 15.50 -8.84 -27.88
C VAL A 226 14.88 -7.49 -28.04
N VAL A 227 14.66 -6.79 -26.93
CA VAL A 227 14.37 -5.37 -26.98
C VAL A 227 15.58 -4.68 -26.38
N GLU A 228 16.27 -3.90 -27.18
CA GLU A 228 17.45 -3.20 -26.79
C GLU A 228 17.10 -1.73 -26.54
N ALA A 229 16.75 -1.42 -25.30
CA ALA A 229 16.26 -0.08 -24.98
C ALA A 229 17.34 0.93 -24.75
N ASP A 230 16.97 2.20 -24.78
CA ASP A 230 17.88 3.27 -24.55
C ASP A 230 18.05 3.58 -23.06
N GLU A 231 18.89 4.54 -22.75
CA GLU A 231 19.21 4.85 -21.35
C GLU A 231 18.00 5.41 -20.59
N GLN A 232 17.13 6.09 -21.30
CA GLN A 232 15.90 6.61 -20.70
C GLN A 232 15.02 5.43 -20.25
N ALA A 233 14.83 4.43 -21.10
CA ALA A 233 14.14 3.20 -20.67
C ALA A 233 14.83 2.47 -19.52
N ARG A 234 16.16 2.42 -19.55
CA ARG A 234 16.90 1.69 -18.50
C ARG A 234 16.76 2.45 -17.19
N ALA A 235 16.74 3.75 -17.24
CA ALA A 235 16.59 4.57 -16.03
C ALA A 235 15.18 4.42 -15.40
N ALA A 236 14.19 4.17 -16.24
CA ALA A 236 12.87 3.83 -15.77
C ALA A 236 12.84 2.51 -15.10
N LYS A 237 13.52 1.54 -15.67
CA LYS A 237 13.67 0.24 -15.04
C LYS A 237 14.37 0.38 -13.64
N VAL A 238 15.41 1.17 -13.60
CA VAL A 238 16.10 1.48 -12.35
C VAL A 238 15.12 2.07 -11.31
N ALA A 239 14.35 3.06 -11.73
CA ALA A 239 13.38 3.72 -10.84
C ALA A 239 12.29 2.74 -10.39
N ALA A 240 11.92 1.80 -11.25
CA ALA A 240 10.86 0.86 -10.92
C ALA A 240 11.38 -0.12 -9.91
N LEU A 241 12.61 -0.58 -10.10
CA LEU A 241 13.21 -1.48 -9.12
C LEU A 241 13.36 -0.78 -7.77
N ALA A 242 13.83 0.44 -7.78
CA ALA A 242 13.97 1.23 -6.52
C ALA A 242 12.63 1.34 -5.76
N ALA A 243 11.51 1.30 -6.47
CA ALA A 243 10.20 1.46 -5.86
C ALA A 243 9.78 0.24 -5.11
N HIS A 244 10.33 -0.92 -5.47
CA HIS A 244 10.07 -2.15 -4.76
C HIS A 244 11.07 -2.28 -3.57
N ALA A 245 11.00 -1.35 -2.63
CA ALA A 245 12.07 -1.17 -1.64
C ALA A 245 12.17 -2.33 -0.69
N THR A 246 11.05 -2.97 -0.40
CA THR A 246 11.14 -4.20 0.47
C THR A 246 11.82 -5.39 -0.21
N GLN A 247 11.89 -5.37 -1.55
CA GLN A 247 12.29 -6.53 -2.34
C GLN A 247 13.64 -6.35 -2.99
N VAL A 248 14.00 -5.13 -3.29
CA VAL A 248 15.10 -4.86 -4.19
C VAL A 248 15.78 -3.60 -3.77
N VAL A 249 17.11 -3.61 -3.76
CA VAL A 249 17.92 -2.42 -3.50
C VAL A 249 18.83 -2.10 -4.69
N VAL A 250 18.75 -0.87 -5.14
CA VAL A 250 19.53 -0.40 -6.25
C VAL A 250 20.82 0.19 -5.71
N GLY A 251 21.92 -0.05 -6.41
CA GLY A 251 23.23 0.38 -5.93
C GLY A 251 23.45 1.82 -6.17
N PRO A 252 24.59 2.34 -5.69
CA PRO A 252 24.87 3.80 -5.67
C PRO A 252 24.91 4.45 -7.02
N THR A 253 25.22 3.70 -8.10
CA THR A 253 25.31 4.28 -9.41
C THR A 253 24.11 3.88 -10.31
N GLY A 254 23.21 3.06 -9.80
CA GLY A 254 22.08 2.57 -10.56
C GLY A 254 22.45 1.56 -11.63
N ARG A 255 23.64 0.97 -11.54
CA ARG A 255 24.07 -0.01 -12.52
C ARG A 255 23.82 -1.40 -12.08
N ALA A 256 23.59 -1.56 -10.77
CA ALA A 256 23.45 -2.89 -10.19
C ALA A 256 22.36 -2.87 -9.15
N ALA A 257 21.84 -4.03 -8.84
CA ALA A 257 20.85 -4.17 -7.79
C ALA A 257 21.00 -5.50 -7.08
N ALA A 258 20.33 -5.67 -5.95
CA ALA A 258 20.31 -6.93 -5.22
C ALA A 258 18.98 -7.16 -4.50
N LEU A 259 18.57 -8.43 -4.45
CA LEU A 259 17.44 -8.84 -3.66
C LEU A 259 17.91 -9.17 -2.22
N SER A 260 17.03 -9.74 -1.41
CA SER A 260 17.34 -10.00 -0.01
C SER A 260 18.53 -10.97 0.19
N ASN A 261 18.88 -11.74 -0.82
CA ASN A 261 20.01 -12.68 -0.70
C ASN A 261 21.36 -12.03 -0.91
N ASN A 262 21.38 -10.73 -1.12
CA ASN A 262 22.62 -9.96 -1.28
C ASN A 262 23.48 -10.35 -2.51
N LEU A 263 22.92 -11.06 -3.47
CA LEU A 263 23.63 -11.32 -4.71
C LEU A 263 23.47 -10.15 -5.67
N ALA A 264 24.57 -9.47 -5.98
CA ALA A 264 24.51 -8.34 -6.86
C ALA A 264 24.11 -8.80 -8.25
N LEU A 265 23.29 -7.99 -8.97
CA LEU A 265 22.84 -8.27 -10.31
C LEU A 265 22.94 -6.99 -11.12
N PRO A 266 23.40 -7.09 -12.38
CA PRO A 266 23.44 -5.91 -13.22
C PRO A 266 22.00 -5.51 -13.65
N ILE A 267 21.74 -4.22 -13.82
CA ILE A 267 20.44 -3.72 -14.36
C ILE A 267 20.61 -3.33 -15.80
N LEU A 268 20.14 -4.18 -16.71
CA LEU A 268 20.50 -4.02 -18.16
C LEU A 268 19.34 -3.42 -18.96
N ALA A 269 19.69 -2.76 -20.03
CA ALA A 269 18.77 -2.17 -20.97
C ALA A 269 18.24 -3.21 -21.94
N ASP A 270 18.94 -4.34 -22.07
CA ASP A 270 18.52 -5.38 -23.05
C ASP A 270 17.78 -6.53 -22.40
N GLU A 271 16.63 -6.89 -22.98
CA GLU A 271 15.78 -7.92 -22.45
C GLU A 271 15.41 -8.91 -23.55
N HIS A 272 15.46 -10.18 -23.22
CA HIS A 272 15.41 -11.24 -24.23
C HIS A 272 14.15 -12.08 -24.17
N TYR A 273 13.78 -12.66 -25.30
CA TYR A 273 12.50 -13.38 -25.39
C TYR A 273 12.61 -14.59 -26.31
N VAL A 274 11.76 -15.58 -26.06
CA VAL A 274 11.53 -16.71 -26.98
C VAL A 274 10.12 -16.57 -27.56
N LEU A 275 10.00 -16.75 -28.87
CA LEU A 275 8.68 -16.66 -29.54
C LEU A 275 7.96 -17.95 -29.37
N ALA A 276 6.86 -17.95 -28.58
CA ALA A 276 6.19 -19.19 -28.25
C ALA A 276 4.97 -19.45 -29.17
N GLY A 277 4.45 -18.39 -29.77
CA GLY A 277 3.29 -18.48 -30.66
C GLY A 277 3.23 -17.27 -31.55
N GLY A 278 2.84 -17.51 -32.81
CA GLY A 278 2.70 -16.46 -33.81
C GLY A 278 3.85 -16.47 -34.79
N SER A 279 3.84 -15.52 -35.70
CA SER A 279 4.86 -15.43 -36.77
C SER A 279 5.85 -14.32 -36.51
N ALA A 280 7.13 -14.67 -36.59
CA ALA A 280 8.19 -13.69 -36.42
C ALA A 280 8.18 -12.67 -37.49
N GLY A 281 8.65 -11.50 -37.20
CA GLY A 281 8.98 -10.52 -38.23
C GLY A 281 10.46 -10.67 -38.58
N ALA A 282 11.07 -9.60 -39.04
CA ALA A 282 12.44 -9.64 -39.54
C ALA A 282 13.44 -9.99 -38.44
N ARG A 283 14.41 -10.85 -38.76
CA ARG A 283 15.42 -11.25 -37.78
C ARG A 283 16.79 -10.75 -38.20
N ASP A 284 17.60 -10.30 -37.25
CA ASP A 284 18.93 -9.85 -37.50
C ASP A 284 19.93 -11.03 -37.70
N GLU A 285 21.23 -10.72 -37.70
CA GLU A 285 22.31 -11.74 -37.92
C GLU A 285 22.38 -12.76 -36.78
N ARG A 286 21.84 -12.42 -35.59
CA ARG A 286 21.76 -13.38 -34.48
C ARG A 286 20.59 -14.28 -34.63
N GLY A 287 19.76 -14.02 -35.64
CA GLY A 287 18.46 -14.70 -35.78
C GLY A 287 17.38 -14.12 -34.86
N TRP A 288 17.59 -12.93 -34.34
CA TRP A 288 16.64 -12.33 -33.35
C TRP A 288 15.81 -11.23 -33.96
N GLU A 289 14.51 -11.22 -33.67
CA GLU A 289 13.77 -9.97 -33.82
C GLU A 289 14.29 -8.92 -32.86
N THR A 290 14.19 -7.63 -33.21
CA THR A 290 14.60 -6.53 -32.36
C THR A 290 13.38 -5.65 -31.92
N ASP A 291 12.19 -6.21 -32.11
CA ASP A 291 10.93 -5.50 -31.83
C ASP A 291 9.85 -6.57 -31.70
N LEU A 292 9.26 -6.67 -30.50
CA LEU A 292 8.23 -7.67 -30.27
C LEU A 292 7.02 -7.46 -31.23
N LEU A 293 6.87 -6.24 -31.71
CA LEU A 293 5.76 -5.90 -32.64
C LEU A 293 6.12 -6.24 -34.09
N ALA A 294 7.32 -6.73 -34.33
CA ALA A 294 7.77 -6.97 -35.69
C ALA A 294 6.81 -7.84 -36.49
N GLY A 295 6.59 -7.42 -37.73
CA GLY A 295 5.70 -8.09 -38.66
C GLY A 295 4.24 -7.69 -38.51
N LEU A 296 3.91 -6.89 -37.49
CA LEU A 296 2.52 -6.54 -37.24
C LEU A 296 2.09 -5.27 -37.93
N GLY A 297 3.02 -4.59 -38.59
CA GLY A 297 2.69 -3.48 -39.49
C GLY A 297 2.53 -2.15 -38.84
N PHE A 298 3.01 -1.98 -37.60
CA PHE A 298 2.96 -0.65 -36.97
C PHE A 298 4.00 0.34 -37.51
N THR A 299 5.10 -0.18 -37.98
CA THR A 299 6.14 0.68 -38.65
C THR A 299 5.85 0.82 -40.16
N MET B 1 11.52 21.55 26.73
CA MET B 1 10.62 22.52 26.04
C MET B 1 11.38 23.53 25.16
N SER B 2 12.10 23.03 24.17
CA SER B 2 12.56 23.88 23.06
C SER B 2 11.38 24.75 22.61
N GLU B 3 11.63 25.95 22.08
CA GLU B 3 10.52 26.86 21.79
C GLU B 3 9.69 26.43 20.57
N THR B 4 10.18 25.56 19.67
CA THR B 4 9.26 24.95 18.66
C THR B 4 8.32 23.95 19.33
N PRO B 5 7.01 24.18 19.24
CA PRO B 5 6.11 23.31 19.97
C PRO B 5 6.05 21.92 19.36
N ARG B 6 5.78 20.93 20.20
CA ARG B 6 5.86 19.50 19.92
C ARG B 6 4.57 18.85 20.42
N LEU B 7 3.84 18.15 19.55
CA LEU B 7 2.57 17.54 19.89
C LEU B 7 2.47 16.10 19.41
N LEU B 8 1.84 15.26 20.19
CA LEU B 8 1.76 13.84 19.85
C LEU B 8 0.32 13.36 20.01
N PHE B 9 -0.17 12.73 18.96
CA PHE B 9 -1.55 12.17 18.94
C PHE B 9 -1.46 10.67 18.88
N VAL B 10 -2.12 9.99 19.80
CA VAL B 10 -2.04 8.53 19.86
C VAL B 10 -3.38 7.93 19.53
N HIS B 11 -3.42 7.17 18.42
CA HIS B 11 -4.62 6.62 17.86
C HIS B 11 -4.60 5.14 17.67
N ALA B 12 -5.75 4.58 17.41
CA ALA B 12 -5.86 3.08 17.39
C ALA B 12 -5.62 2.54 15.94
N HIS B 13 -6.28 3.15 14.97
CA HIS B 13 -6.37 2.61 13.60
C HIS B 13 -6.06 3.71 12.62
N PRO B 14 -5.65 3.33 11.40
CA PRO B 14 -5.51 4.32 10.34
C PRO B 14 -6.87 4.93 9.97
N ASP B 15 -6.93 6.25 10.09
CA ASP B 15 -8.08 7.12 9.81
C ASP B 15 -8.55 7.84 11.08
N ASP B 16 -8.32 7.22 12.24
CA ASP B 16 -8.75 7.80 13.50
C ASP B 16 -8.10 9.17 13.63
N GLU B 17 -6.86 9.33 13.14
CA GLU B 17 -6.13 10.58 13.31
C GLU B 17 -6.76 11.71 12.55
N SER B 18 -7.32 11.38 11.39
CA SER B 18 -7.92 12.39 10.53
C SER B 18 -9.36 12.64 10.91
N LEU B 19 -10.09 11.57 11.30
CA LEU B 19 -11.49 11.74 11.73
C LEU B 19 -11.55 12.57 13.03
N SER B 20 -10.68 12.25 13.98
CA SER B 20 -10.67 12.97 15.26
C SER B 20 -9.98 14.33 15.17
N ASN B 21 -8.77 14.36 14.62
CA ASN B 21 -7.86 15.44 14.82
C ASN B 21 -7.28 16.04 13.60
N GLY B 22 -7.87 15.75 12.43
CA GLY B 22 -7.22 16.13 11.21
C GLY B 22 -6.98 17.65 11.12
N ALA B 23 -8.00 18.42 11.47
CA ALA B 23 -7.91 19.88 11.38
C ALA B 23 -6.91 20.44 12.35
N THR B 24 -6.86 19.85 13.53
CA THR B 24 -5.95 20.30 14.61
C THR B 24 -4.56 20.03 14.24
N ILE B 25 -4.35 18.85 13.65
CA ILE B 25 -2.96 18.49 13.20
C ILE B 25 -2.45 19.44 12.14
N ALA B 26 -3.31 19.69 11.16
CA ALA B 26 -2.93 20.62 10.04
C ALA B 26 -2.70 22.04 10.56
N HIS B 27 -3.56 22.47 11.49
CA HIS B 27 -3.42 23.80 12.11
C HIS B 27 -2.03 23.99 12.68
N TYR B 28 -1.56 23.02 13.43
CA TYR B 28 -0.27 23.13 14.11
C TYR B 28 0.94 22.90 13.19
N THR B 29 0.86 21.93 12.28
CA THR B 29 2.00 21.75 11.32
C THR B 29 2.17 22.96 10.39
N SER B 30 1.05 23.51 9.92
CA SER B 30 1.11 24.69 9.08
C SER B 30 1.78 25.86 9.81
N ARG B 31 1.68 25.86 11.12
CA ARG B 31 2.31 26.89 11.95
C ARG B 31 3.71 26.57 12.41
N GLY B 32 4.31 25.51 11.90
CA GLY B 32 5.73 25.20 12.20
C GLY B 32 5.91 24.31 13.42
N ALA B 33 4.82 23.75 13.94
CA ALA B 33 4.95 22.87 15.08
C ALA B 33 5.44 21.49 14.64
N GLN B 34 6.01 20.75 15.58
CA GLN B 34 6.43 19.38 15.34
C GLN B 34 5.31 18.46 15.82
N VAL B 35 4.63 17.80 14.89
CA VAL B 35 3.51 16.96 15.24
C VAL B 35 3.78 15.55 14.79
N HIS B 36 3.51 14.60 15.64
CA HIS B 36 3.58 13.19 15.26
C HIS B 36 2.31 12.49 15.61
N VAL B 37 2.01 11.42 14.89
CA VAL B 37 0.91 10.55 15.18
C VAL B 37 1.44 9.10 15.43
N VAL B 38 1.02 8.48 16.48
CA VAL B 38 1.28 7.08 16.71
C VAL B 38 -0.01 6.31 16.49
N THR B 39 0.08 5.29 15.67
CA THR B 39 -1.04 4.43 15.33
C THR B 39 -0.76 3.07 15.90
N CYS B 40 -1.68 2.54 16.67
CA CYS B 40 -1.40 1.33 17.48
C CYS B 40 -1.58 0.01 16.72
N THR B 41 -2.36 0.02 15.64
CA THR B 41 -2.57 -1.19 14.85
C THR B 41 -2.64 -0.84 13.35
N LEU B 42 -2.45 -1.82 12.50
CA LEU B 42 -2.56 -1.58 11.07
C LEU B 42 -4.01 -1.53 10.58
N GLY B 43 -4.95 -1.93 11.44
CA GLY B 43 -6.36 -1.93 11.01
C GLY B 43 -6.65 -3.13 10.11
N GLU B 44 -6.05 -4.26 10.43
CA GLU B 44 -6.23 -5.52 9.65
C GLU B 44 -7.69 -5.99 9.53
N GLU B 45 -8.54 -5.59 10.47
CA GLU B 45 -9.89 -6.13 10.60
C GLU B 45 -10.95 -5.20 10.05
N GLY B 46 -10.53 -4.16 9.36
CA GLY B 46 -11.44 -3.18 8.76
C GLY B 46 -12.29 -3.75 7.63
N GLU B 47 -13.43 -3.12 7.40
CA GLU B 47 -14.24 -3.43 6.25
C GLU B 47 -13.63 -2.66 5.09
N VAL B 48 -14.10 -2.91 3.88
CA VAL B 48 -13.68 -2.11 2.71
C VAL B 48 -14.86 -1.54 1.94
N ILE B 49 -14.78 -0.27 1.62
CA ILE B 49 -15.73 0.34 0.71
C ILE B 49 -15.29 0.10 -0.74
N GLY B 50 -16.20 -0.41 -1.56
CA GLY B 50 -15.92 -0.58 -3.00
C GLY B 50 -15.38 -1.98 -3.29
N ASP B 51 -15.31 -2.31 -4.57
CA ASP B 51 -15.00 -3.69 -4.95
C ASP B 51 -13.47 -3.91 -5.10
N ARG B 52 -12.75 -2.86 -5.50
CA ARG B 52 -11.35 -3.05 -5.94
C ARG B 52 -10.50 -3.79 -4.89
N TRP B 53 -10.63 -3.38 -3.62
CA TRP B 53 -9.81 -3.90 -2.58
C TRP B 53 -10.58 -4.78 -1.67
N ALA B 54 -11.75 -5.19 -2.11
CA ALA B 54 -12.67 -5.93 -1.22
C ALA B 54 -12.13 -7.25 -0.74
N GLN B 55 -11.34 -7.93 -1.58
CA GLN B 55 -10.84 -9.25 -1.19
C GLN B 55 -9.63 -9.15 -0.22
N LEU B 56 -9.22 -7.92 0.11
CA LEU B 56 -8.14 -7.77 1.13
C LEU B 56 -8.57 -8.07 2.54
N THR B 57 -9.89 -8.15 2.78
CA THR B 57 -10.35 -8.21 4.19
C THR B 57 -9.95 -9.53 4.81
N ALA B 58 -10.06 -9.56 6.12
CA ALA B 58 -9.64 -10.69 6.95
C ALA B 58 -10.41 -11.98 6.71
N ASP B 59 -11.57 -11.92 6.07
CA ASP B 59 -12.21 -13.19 5.67
C ASP B 59 -12.01 -13.52 4.17
N HIS B 60 -11.11 -12.81 3.54
CA HIS B 60 -10.60 -13.19 2.21
C HIS B 60 -9.08 -13.33 2.24
N ALA B 61 -8.35 -12.40 1.66
CA ALA B 61 -6.85 -12.51 1.65
C ALA B 61 -6.22 -12.11 2.98
N ASP B 62 -6.93 -11.32 3.79
CA ASP B 62 -6.38 -10.83 5.09
C ASP B 62 -5.09 -10.03 4.87
N GLN B 63 -5.16 -8.99 4.05
CA GLN B 63 -3.99 -8.19 3.73
C GLN B 63 -4.30 -6.71 3.75
N LEU B 64 -5.41 -6.34 4.35
CA LEU B 64 -5.86 -4.97 4.32
C LEU B 64 -4.97 -4.02 5.14
N GLY B 65 -4.46 -4.50 6.29
CA GLY B 65 -3.61 -3.65 7.12
C GLY B 65 -2.40 -3.16 6.36
N GLY B 66 -1.80 -4.05 5.54
CA GLY B 66 -0.62 -3.57 4.78
C GLY B 66 -0.97 -2.55 3.73
N TYR B 67 -2.13 -2.71 3.09
CA TYR B 67 -2.63 -1.71 2.16
C TYR B 67 -2.89 -0.39 2.88
N ARG B 68 -3.45 -0.45 4.06
CA ARG B 68 -3.83 0.82 4.78
C ARG B 68 -2.61 1.62 5.23
N ILE B 69 -1.43 1.02 5.20
CA ILE B 69 -0.21 1.76 5.49
C ILE B 69 -0.05 2.90 4.51
N GLY B 70 -0.32 2.63 3.24
CA GLY B 70 -0.24 3.68 2.25
C GLY B 70 -1.33 4.74 2.32
N GLU B 71 -2.53 4.34 2.68
CA GLU B 71 -3.60 5.30 2.96
C GLU B 71 -3.26 6.25 4.12
N LEU B 72 -2.77 5.68 5.21
CA LEU B 72 -2.32 6.49 6.36
C LEU B 72 -1.20 7.43 5.97
N THR B 73 -0.24 6.94 5.15
CA THR B 73 0.90 7.73 4.81
C THR B 73 0.44 8.94 4.04
N ALA B 74 -0.46 8.71 3.08
CA ALA B 74 -0.97 9.80 2.28
C ALA B 74 -1.81 10.78 3.16
N ALA B 75 -2.60 10.23 4.04
CA ALA B 75 -3.43 11.06 4.97
C ALA B 75 -2.53 11.92 5.84
N LEU B 76 -1.51 11.31 6.44
CA LEU B 76 -0.58 12.07 7.23
C LEU B 76 0.08 13.18 6.46
N ARG B 77 0.44 12.91 5.21
CA ARG B 77 1.12 13.92 4.44
C ARG B 77 0.21 15.12 4.09
N ALA B 78 -1.03 14.83 3.82
CA ALA B 78 -2.02 15.88 3.61
C ALA B 78 -2.13 16.77 4.85
N LEU B 79 -1.87 16.20 6.02
CA LEU B 79 -1.90 16.98 7.30
C LEU B 79 -0.55 17.58 7.68
N GLY B 80 0.46 17.40 6.86
CA GLY B 80 1.76 17.97 7.12
C GLY B 80 2.61 17.13 8.04
N VAL B 81 2.26 15.85 8.19
CA VAL B 81 2.99 14.93 9.02
C VAL B 81 3.75 13.96 8.06
N SER B 82 5.06 13.79 8.25
CA SER B 82 5.88 13.18 7.22
C SER B 82 5.80 11.68 7.17
N ALA B 83 5.52 11.01 8.29
CA ALA B 83 5.46 9.53 8.26
C ALA B 83 4.62 8.97 9.39
N PRO B 84 4.04 7.80 9.19
CA PRO B 84 3.33 7.09 10.22
C PRO B 84 4.30 6.55 11.27
N ILE B 85 3.78 6.31 12.48
CA ILE B 85 4.50 5.63 13.50
C ILE B 85 3.55 4.58 14.05
N TYR B 86 3.87 3.31 13.86
CA TYR B 86 3.08 2.24 14.42
C TYR B 86 3.70 1.76 15.72
N LEU B 87 2.88 1.63 16.75
CA LEU B 87 3.37 1.23 18.08
C LEU B 87 3.99 -0.18 18.10
N GLY B 88 5.27 -0.24 18.55
CA GLY B 88 5.98 -1.49 18.57
C GLY B 88 6.50 -1.95 17.23
N GLY B 89 6.40 -1.11 16.24
CA GLY B 89 6.75 -1.47 14.87
C GLY B 89 5.50 -1.85 14.07
N ALA B 90 5.49 -1.48 12.79
CA ALA B 90 4.37 -1.78 11.91
C ALA B 90 4.05 -3.23 11.91
N GLY B 91 2.87 -3.58 12.40
CA GLY B 91 2.40 -4.92 12.45
C GLY B 91 2.55 -5.65 13.74
N ARG B 92 3.09 -4.95 14.74
CA ARG B 92 3.34 -5.60 16.03
C ARG B 92 2.14 -6.14 16.71
N TRP B 93 1.10 -5.29 16.88
CA TRP B 93 -0.14 -5.70 17.53
C TRP B 93 -1.31 -5.47 16.59
N ARG B 94 -2.13 -6.51 16.44
CA ARG B 94 -3.22 -6.54 15.46
C ARG B 94 -4.49 -5.76 15.92
N ASP B 95 -5.12 -5.10 14.99
CA ASP B 95 -6.52 -4.65 15.08
C ASP B 95 -7.33 -5.70 15.77
N SER B 96 -8.06 -5.31 16.83
CA SER B 96 -8.76 -6.32 17.64
C SER B 96 -10.14 -6.54 17.16
N GLY B 97 -10.61 -5.70 16.22
CA GLY B 97 -11.97 -5.80 15.74
C GLY B 97 -13.00 -5.12 16.64
N MET B 98 -14.19 -4.91 16.12
CA MET B 98 -15.32 -4.33 16.88
C MET B 98 -15.62 -5.19 18.10
N ALA B 99 -16.31 -4.63 19.09
CA ALA B 99 -16.72 -5.38 20.27
C ALA B 99 -17.52 -6.61 19.88
N GLY B 100 -17.31 -7.71 20.60
CA GLY B 100 -18.06 -8.95 20.38
C GLY B 100 -17.39 -9.94 19.43
N THR B 101 -16.59 -9.40 18.50
CA THR B 101 -15.85 -10.18 17.50
C THR B 101 -14.58 -10.79 18.17
N ASP B 102 -14.03 -11.94 17.76
CA ASP B 102 -14.38 -12.79 16.61
C ASP B 102 -13.14 -13.25 15.78
N GLN B 103 -11.94 -13.47 16.38
CA GLN B 103 -10.79 -13.84 15.54
C GLN B 103 -9.70 -14.84 16.01
N ARG B 104 -8.95 -15.36 15.04
CA ARG B 104 -7.94 -16.35 15.21
C ARG B 104 -6.60 -15.86 15.79
N SER B 105 -6.25 -14.63 15.56
CA SER B 105 -4.95 -14.11 16.00
C SER B 105 -4.85 -13.88 17.47
N GLN B 106 -3.67 -14.16 18.02
CA GLN B 106 -3.39 -13.89 19.41
C GLN B 106 -2.50 -12.68 19.55
N ARG B 107 -2.40 -11.89 18.47
CA ARG B 107 -1.60 -10.72 18.45
C ARG B 107 -2.40 -9.43 18.67
N ARG B 108 -3.64 -9.59 19.08
CA ARG B 108 -4.52 -8.47 19.26
C ARG B 108 -3.99 -7.49 20.27
N PHE B 109 -4.02 -6.22 19.91
CA PHE B 109 -3.66 -5.12 20.76
C PHE B 109 -4.33 -5.21 22.15
N VAL B 110 -5.63 -5.54 22.19
CA VAL B 110 -6.34 -5.59 23.47
C VAL B 110 -5.74 -6.62 24.39
N ASP B 111 -5.10 -7.67 23.83
CA ASP B 111 -4.52 -8.75 24.66
C ASP B 111 -3.01 -8.56 24.91
N ALA B 112 -2.44 -7.45 24.45
CA ALA B 112 -1.01 -7.29 24.50
C ALA B 112 -0.56 -7.07 25.97
N ASP B 113 0.65 -7.48 26.25
CA ASP B 113 1.27 -7.24 27.57
C ASP B 113 1.49 -5.75 27.78
N PRO B 114 0.88 -5.20 28.79
CA PRO B 114 1.09 -3.79 29.15
C PRO B 114 2.53 -3.37 29.24
N ARG B 115 3.40 -4.27 29.72
CA ARG B 115 4.80 -3.90 29.85
C ARG B 115 5.37 -3.54 28.50
N GLN B 116 4.91 -4.25 27.46
CA GLN B 116 5.43 -4.02 26.11
C GLN B 116 4.78 -2.83 25.43
N THR B 117 3.47 -2.71 25.56
CA THR B 117 2.79 -1.62 24.90
C THR B 117 3.14 -0.29 25.54
N VAL B 118 2.98 -0.21 26.85
CA VAL B 118 3.32 0.98 27.60
C VAL B 118 4.78 1.27 27.47
N GLY B 119 5.62 0.23 27.60
CA GLY B 119 7.05 0.40 27.35
C GLY B 119 7.37 1.00 26.02
N ALA B 120 6.70 0.51 24.99
CA ALA B 120 6.92 1.08 23.65
C ALA B 120 6.52 2.56 23.54
N LEU B 121 5.35 2.89 24.08
CA LEU B 121 4.88 4.27 24.03
C LEU B 121 5.70 5.22 24.94
N VAL B 122 6.19 4.69 26.06
CA VAL B 122 7.07 5.50 26.90
C VAL B 122 8.32 5.89 26.17
N ALA B 123 8.86 4.96 25.38
CA ALA B 123 10.09 5.28 24.61
C ALA B 123 9.81 6.37 23.62
N ILE B 124 8.65 6.30 22.96
CA ILE B 124 8.30 7.31 21.94
C ILE B 124 8.14 8.68 22.65
N ILE B 125 7.46 8.70 23.76
CA ILE B 125 7.23 9.95 24.45
C ILE B 125 8.56 10.57 24.90
N ARG B 126 9.43 9.75 25.48
CA ARG B 126 10.77 10.26 25.91
C ARG B 126 11.60 10.70 24.73
N GLU B 127 11.40 10.08 23.56
CA GLU B 127 12.11 10.48 22.37
C GLU B 127 11.59 11.78 21.79
N LEU B 128 10.28 11.91 21.67
CA LEU B 128 9.65 13.10 21.09
C LEU B 128 9.42 14.26 22.05
N ARG B 129 9.42 13.96 23.35
CA ARG B 129 9.21 14.96 24.40
CA ARG B 129 9.19 14.94 24.42
C ARG B 129 8.06 15.90 24.08
N PRO B 130 6.89 15.36 23.76
CA PRO B 130 5.76 16.25 23.38
C PRO B 130 5.26 17.14 24.54
N HIS B 131 5.06 18.38 24.25
CA HIS B 131 4.38 19.33 25.18
C HIS B 131 2.94 18.96 25.40
N VAL B 132 2.32 18.40 24.34
CA VAL B 132 0.91 18.02 24.38
C VAL B 132 0.77 16.62 23.88
N VAL B 133 0.06 15.77 24.61
CA VAL B 133 -0.36 14.46 24.15
C VAL B 133 -1.87 14.40 24.09
N VAL B 134 -2.39 13.80 23.02
CA VAL B 134 -3.82 13.61 22.80
C VAL B 134 -4.15 12.16 22.56
N THR B 135 -5.20 11.66 23.21
CA THR B 135 -5.78 10.35 22.88
C THR B 135 -7.26 10.30 23.21
N TYR B 136 -7.87 9.13 23.14
CA TYR B 136 -9.33 9.01 23.35
C TYR B 136 -9.65 9.21 24.86
N ASP B 137 -10.93 9.42 25.16
CA ASP B 137 -11.42 9.40 26.51
C ASP B 137 -11.49 7.97 27.00
N PRO B 138 -11.92 7.74 28.28
CA PRO B 138 -11.92 6.38 28.83
C PRO B 138 -12.83 5.37 28.16
N ASN B 139 -13.89 5.82 27.51
CA ASN B 139 -14.72 4.93 26.73
C ASN B 139 -14.23 4.77 25.28
N GLY B 140 -13.05 5.29 24.98
CA GLY B 140 -12.49 5.18 23.62
C GLY B 140 -13.40 5.81 22.59
N GLY B 141 -14.01 6.94 22.92
CA GLY B 141 -14.92 7.63 21.97
C GLY B 141 -16.22 6.85 21.89
N TYR B 142 -16.36 6.01 20.87
CA TYR B 142 -17.57 5.23 20.65
C TYR B 142 -17.45 3.81 21.17
N GLY B 143 -16.38 3.51 21.87
CA GLY B 143 -16.31 2.23 22.57
C GLY B 143 -15.58 1.09 21.84
N HIS B 144 -14.99 1.38 20.70
CA HIS B 144 -14.16 0.38 20.04
C HIS B 144 -13.13 -0.14 21.04
N PRO B 145 -13.05 -1.44 21.21
CA PRO B 145 -12.07 -2.02 22.14
C PRO B 145 -10.62 -1.48 22.01
N ASP B 146 -10.13 -1.32 20.79
CA ASP B 146 -8.80 -0.77 20.59
C ASP B 146 -8.71 0.66 21.05
N HIS B 147 -9.79 1.46 20.90
CA HIS B 147 -9.79 2.86 21.31
C HIS B 147 -9.73 2.94 22.85
N VAL B 148 -10.46 2.05 23.52
CA VAL B 148 -10.41 1.98 24.98
C VAL B 148 -9.03 1.57 25.39
N HIS B 149 -8.46 0.60 24.67
CA HIS B 149 -7.13 0.13 24.99
C HIS B 149 -6.08 1.17 24.74
N THR B 150 -6.24 1.92 23.67
CA THR B 150 -5.30 3.01 23.37
C THR B 150 -5.30 4.04 24.52
N HIS B 151 -6.50 4.42 24.97
CA HIS B 151 -6.61 5.35 26.10
C HIS B 151 -5.86 4.83 27.31
N THR B 152 -6.04 3.52 27.60
CA THR B 152 -5.45 2.91 28.78
C THR B 152 -3.94 2.89 28.71
N VAL B 153 -3.42 2.53 27.52
CA VAL B 153 -1.97 2.47 27.29
C VAL B 153 -1.32 3.82 27.32
N THR B 154 -1.99 4.79 26.71
CA THR B 154 -1.43 6.14 26.63
C THR B 154 -1.42 6.78 28.04
N THR B 155 -2.50 6.57 28.79
CA THR B 155 -2.59 7.12 30.13
C THR B 155 -1.47 6.56 31.01
N ALA B 156 -1.28 5.26 30.96
CA ALA B 156 -0.20 4.60 31.71
C ALA B 156 1.13 5.05 31.26
N ALA B 157 1.29 5.35 29.95
CA ALA B 157 2.57 5.78 29.43
C ALA B 157 2.90 7.19 29.81
N VAL B 158 1.94 8.09 29.68
CA VAL B 158 2.13 9.45 30.16
C VAL B 158 2.58 9.47 31.67
N ALA B 159 1.93 8.68 32.48
CA ALA B 159 2.30 8.62 33.94
C ALA B 159 3.71 8.10 34.13
N ALA B 160 4.10 7.09 33.34
CA ALA B 160 5.38 6.46 33.51
C ALA B 160 6.54 7.20 32.86
N ALA B 161 6.28 8.02 31.86
CA ALA B 161 7.35 8.58 31.08
C ALA B 161 8.18 9.52 31.89
N GLY B 162 7.58 10.19 32.86
CA GLY B 162 8.30 11.20 33.66
C GLY B 162 8.92 10.66 34.96
N VAL B 163 8.73 9.39 35.23
CA VAL B 163 9.26 8.74 36.45
C VAL B 163 10.60 8.06 36.11
N GLY B 164 11.63 8.37 36.89
CA GLY B 164 13.00 7.89 36.69
C GLY B 164 13.11 6.46 36.15
N ASP B 173 15.37 8.45 29.02
CA ASP B 173 15.35 9.36 30.16
C ASP B 173 14.05 10.26 30.27
N PRO B 174 13.70 10.62 31.52
CA PRO B 174 12.31 10.99 31.82
C PRO B 174 11.81 12.25 31.14
N TRP B 175 10.54 12.23 30.80
CA TRP B 175 9.87 13.40 30.30
C TRP B 175 8.50 13.43 30.90
N THR B 176 8.16 14.54 31.56
CA THR B 176 6.82 14.74 32.11
C THR B 176 6.01 15.56 31.12
N VAL B 177 4.95 14.96 30.59
CA VAL B 177 4.15 15.65 29.55
C VAL B 177 3.43 16.84 30.19
N PRO B 178 3.71 18.05 29.73
CA PRO B 178 3.04 19.22 30.33
C PRO B 178 1.51 19.15 30.31
N LYS B 179 0.92 18.75 29.18
CA LYS B 179 -0.52 18.75 28.99
C LYS B 179 -1.03 17.55 28.23
N PHE B 180 -2.00 16.88 28.81
CA PHE B 180 -2.54 15.62 28.31
C PHE B 180 -4.07 15.80 28.11
N TYR B 181 -4.52 15.63 26.90
CA TYR B 181 -5.94 15.85 26.54
C TYR B 181 -6.60 14.61 26.02
N TRP B 182 -7.91 14.56 26.18
CA TRP B 182 -8.72 13.58 25.48
C TRP B 182 -9.36 14.27 24.32
N THR B 183 -9.28 13.67 23.15
CA THR B 183 -10.08 14.13 22.03
C THR B 183 -11.50 13.65 22.19
N VAL B 184 -12.46 14.54 22.05
CA VAL B 184 -13.86 14.12 22.24
C VAL B 184 -14.76 14.77 21.18
N LEU B 185 -15.92 14.17 20.99
CA LEU B 185 -16.95 14.71 20.12
C LEU B 185 -17.75 15.75 20.90
N GLY B 186 -17.87 16.93 20.35
CA GLY B 186 -18.74 17.97 20.90
C GLY B 186 -20.16 17.80 20.46
N LEU B 187 -21.04 17.65 21.44
CA LEU B 187 -22.48 17.32 21.17
C LEU B 187 -23.14 18.43 20.38
N SER B 188 -22.88 19.69 20.78
CA SER B 188 -23.56 20.80 20.21
C SER B 188 -23.14 21.00 18.76
N ALA B 189 -21.84 20.85 18.51
CA ALA B 189 -21.29 21.10 17.20
C ALA B 189 -21.69 20.01 16.22
N LEU B 190 -21.87 18.83 16.73
CA LEU B 190 -22.31 17.69 15.93
C LEU B 190 -23.79 17.81 15.52
N ILE B 191 -24.62 18.27 16.45
CA ILE B 191 -26.02 18.52 16.15
C ILE B 191 -26.14 19.61 15.10
N SER B 192 -25.43 20.72 15.30
CA SER B 192 -25.50 21.81 14.37
C SER B 192 -24.91 21.45 13.03
N GLY B 193 -23.82 20.67 13.05
CA GLY B 193 -23.19 20.26 11.80
C GLY B 193 -24.13 19.34 10.99
N ALA B 194 -24.69 18.35 11.64
CA ALA B 194 -25.65 17.43 11.06
C ALA B 194 -26.87 18.18 10.47
N ARG B 195 -27.45 19.06 11.26
CA ARG B 195 -28.53 19.96 10.77
C ARG B 195 -28.22 20.80 9.59
N ALA B 196 -27.02 21.34 9.52
CA ALA B 196 -26.65 22.17 8.39
C ALA B 196 -26.51 21.41 7.04
N LEU B 197 -26.42 20.10 7.08
CA LEU B 197 -26.20 19.31 5.84
C LEU B 197 -27.49 19.27 5.00
N VAL B 198 -27.30 19.35 3.68
CA VAL B 198 -28.40 19.18 2.73
C VAL B 198 -28.10 17.96 1.81
N PRO B 199 -29.15 17.44 1.14
CA PRO B 199 -28.99 16.25 0.29
C PRO B 199 -27.89 16.36 -0.76
N ASP B 200 -27.61 17.58 -1.25
CA ASP B 200 -26.49 17.76 -2.13
C ASP B 200 -25.11 17.48 -1.50
N ASP B 201 -25.07 17.39 -0.18
CA ASP B 201 -23.79 17.14 0.49
C ASP B 201 -23.51 15.63 0.48
N LEU B 202 -24.51 14.85 0.10
CA LEU B 202 -24.43 13.42 0.23
C LEU B 202 -24.29 12.77 -1.13
N ARG B 203 -23.86 11.53 -1.09
CA ARG B 203 -23.83 10.66 -2.24
C ARG B 203 -25.10 9.79 -2.18
N PRO B 204 -25.47 9.20 -3.32
CA PRO B 204 -26.73 8.50 -3.46
C PRO B 204 -27.10 7.61 -2.33
N GLU B 205 -26.16 6.80 -1.87
CA GLU B 205 -26.50 5.77 -0.90
C GLU B 205 -26.55 6.26 0.54
N TRP B 206 -26.16 7.51 0.80
CA TRP B 206 -25.97 7.93 2.22
C TRP B 206 -27.26 8.39 2.80
N VAL B 207 -27.40 8.19 4.09
CA VAL B 207 -28.56 8.61 4.84
C VAL B 207 -28.23 9.78 5.78
N LEU B 208 -29.04 10.84 5.67
CA LEU B 208 -28.94 11.98 6.60
C LEU B 208 -29.15 11.48 8.01
N PRO B 209 -28.37 11.99 8.96
CA PRO B 209 -28.50 11.63 10.37
C PRO B 209 -29.59 12.46 11.08
N ARG B 210 -30.00 12.06 12.28
CA ARG B 210 -30.98 12.82 13.13
C ARG B 210 -30.52 12.91 14.59
N ALA B 211 -31.45 13.13 15.52
CA ALA B 211 -31.13 13.12 16.97
C ALA B 211 -30.88 11.71 17.49
N ASP B 212 -31.30 10.71 16.72
CA ASP B 212 -31.13 9.31 17.06
C ASP B 212 -29.66 8.89 17.07
N GLU B 213 -28.98 9.09 15.94
CA GLU B 213 -27.68 8.45 15.67
C GLU B 213 -26.49 9.10 16.37
N ILE B 214 -26.75 10.12 17.19
CA ILE B 214 -25.73 10.61 18.12
C ILE B 214 -25.60 9.59 19.25
N ALA B 215 -24.66 9.78 20.17
CA ALA B 215 -24.47 8.82 21.25
C ALA B 215 -23.54 9.33 22.37
N PHE B 216 -22.28 9.56 22.01
CA PHE B 216 -21.24 9.86 23.00
C PHE B 216 -20.74 11.30 22.88
N GLY B 217 -21.68 12.24 22.76
CA GLY B 217 -21.32 13.63 22.67
C GLY B 217 -21.09 14.31 24.02
N TYR B 218 -20.00 15.08 24.16
CA TYR B 218 -19.72 15.85 25.34
C TYR B 218 -20.47 17.19 25.31
N SER B 219 -20.99 17.60 26.46
CA SER B 219 -21.68 18.90 26.58
C SER B 219 -20.64 20.00 26.64
N ASP B 220 -21.08 21.23 26.40
CA ASP B 220 -20.19 22.37 26.37
C ASP B 220 -19.50 22.59 27.69
N ASP B 221 -20.19 22.29 28.79
CA ASP B 221 -19.59 22.47 30.11
C ASP B 221 -18.59 21.32 30.41
N GLY B 222 -18.74 20.17 29.76
CA GLY B 222 -17.80 19.03 29.88
C GLY B 222 -16.56 19.22 28.95
N ILE B 223 -16.55 20.22 28.11
CA ILE B 223 -15.43 20.46 27.18
C ILE B 223 -14.51 21.52 27.76
N ASP B 224 -13.21 21.33 27.57
CA ASP B 224 -12.19 22.21 28.15
C ASP B 224 -11.50 23.05 27.11
N ALA B 225 -11.48 22.58 25.88
CA ALA B 225 -10.68 23.26 24.84
C ALA B 225 -11.23 22.96 23.45
N VAL B 226 -11.00 23.89 22.54
CA VAL B 226 -11.31 23.70 21.17
C VAL B 226 -10.19 24.25 20.32
N VAL B 227 -9.88 23.54 19.22
CA VAL B 227 -9.05 24.14 18.19
C VAL B 227 -9.96 24.47 17.00
N GLU B 228 -10.13 25.74 16.75
CA GLU B 228 -11.03 26.17 15.68
C GLU B 228 -10.26 26.29 14.37
N ALA B 229 -10.77 25.60 13.38
CA ALA B 229 -10.04 25.47 12.10
C ALA B 229 -10.25 26.62 11.19
N ASP B 230 -9.20 27.08 10.55
CA ASP B 230 -9.33 27.96 9.39
C ASP B 230 -9.57 27.09 8.13
N GLU B 231 -9.71 27.70 6.98
CA GLU B 231 -10.15 26.95 5.80
C GLU B 231 -9.01 26.03 5.29
N GLN B 232 -7.78 26.46 5.45
CA GLN B 232 -6.65 25.64 5.05
C GLN B 232 -6.59 24.35 5.85
N ALA B 233 -6.92 24.42 7.16
CA ALA B 233 -6.92 23.24 7.99
C ALA B 233 -8.09 22.31 7.72
N ARG B 234 -9.27 22.86 7.50
CA ARG B 234 -10.41 22.04 7.19
C ARG B 234 -10.15 21.32 5.86
N ALA B 235 -9.59 22.03 4.89
CA ALA B 235 -9.35 21.42 3.56
C ALA B 235 -8.33 20.30 3.67
N ALA B 236 -7.37 20.45 4.57
CA ALA B 236 -6.39 19.40 4.82
C ALA B 236 -7.05 18.20 5.49
N LYS B 237 -7.98 18.45 6.40
CA LYS B 237 -8.74 17.38 7.02
C LYS B 237 -9.56 16.60 5.99
N VAL B 238 -10.21 17.34 5.10
CA VAL B 238 -10.98 16.72 4.00
C VAL B 238 -10.08 15.87 3.06
N ALA B 239 -8.91 16.39 2.69
CA ALA B 239 -7.96 15.60 1.88
C ALA B 239 -7.45 14.35 2.61
N ALA B 240 -7.28 14.44 3.95
CA ALA B 240 -6.80 13.32 4.72
C ALA B 240 -7.82 12.22 4.76
N LEU B 241 -9.09 12.57 5.08
CA LEU B 241 -10.17 11.63 5.04
C LEU B 241 -10.29 10.92 3.67
N ALA B 242 -10.14 11.69 2.63
CA ALA B 242 -10.25 11.18 1.27
C ALA B 242 -9.14 10.14 0.98
N ALA B 243 -7.98 10.31 1.63
CA ALA B 243 -6.86 9.44 1.39
C ALA B 243 -7.14 8.07 1.94
N HIS B 244 -8.02 7.97 2.98
CA HIS B 244 -8.42 6.65 3.58
C HIS B 244 -9.57 6.04 2.83
N ALA B 245 -9.40 5.83 1.49
CA ALA B 245 -10.52 5.60 0.58
C ALA B 245 -11.22 4.33 0.85
N THR B 246 -10.54 3.36 1.47
CA THR B 246 -11.17 2.09 1.80
C THR B 246 -12.08 2.23 2.99
N GLN B 247 -11.89 3.31 3.77
CA GLN B 247 -12.61 3.50 5.06
C GLN B 247 -13.61 4.65 5.07
N VAL B 248 -13.32 5.71 4.36
CA VAL B 248 -14.08 6.92 4.38
C VAL B 248 -14.19 7.45 2.95
N VAL B 249 -15.37 7.98 2.62
CA VAL B 249 -15.57 8.73 1.34
C VAL B 249 -16.09 10.12 1.66
N VAL B 250 -15.49 11.11 1.07
CA VAL B 250 -15.89 12.47 1.27
C VAL B 250 -17.01 12.74 0.27
N GLY B 251 -17.99 13.52 0.69
CA GLY B 251 -19.17 13.81 -0.22
C GLY B 251 -18.81 14.80 -1.27
N PRO B 252 -19.73 15.05 -2.20
CA PRO B 252 -19.45 15.88 -3.39
C PRO B 252 -19.10 17.31 -3.07
N THR B 253 -19.62 17.86 -1.97
CA THR B 253 -19.31 19.22 -1.60
C THR B 253 -18.20 19.30 -0.59
N GLY B 254 -17.74 18.15 -0.06
CA GLY B 254 -16.64 18.16 0.89
C GLY B 254 -17.05 18.62 2.25
N ARG B 255 -18.33 18.53 2.55
CA ARG B 255 -18.87 19.01 3.80
C ARG B 255 -19.37 17.86 4.64
N ALA B 256 -19.49 16.67 4.02
CA ALA B 256 -19.90 15.51 4.75
C ALA B 256 -19.05 14.30 4.32
N ALA B 257 -19.12 13.24 5.08
CA ALA B 257 -18.42 12.00 4.73
C ALA B 257 -19.15 10.83 5.36
N ALA B 258 -18.81 9.61 4.94
CA ALA B 258 -19.42 8.42 5.53
C ALA B 258 -18.46 7.25 5.55
N LEU B 259 -18.53 6.43 6.61
CA LEU B 259 -17.83 5.20 6.68
C LEU B 259 -18.65 4.11 5.91
N SER B 260 -18.28 2.84 6.07
CA SER B 260 -18.91 1.77 5.29
C SER B 260 -20.39 1.61 5.59
N ASN B 261 -20.85 2.15 6.72
CA ASN B 261 -22.29 2.07 7.09
C ASN B 261 -23.15 3.07 6.37
N ASN B 262 -22.54 3.92 5.57
CA ASN B 262 -23.28 4.92 4.77
C ASN B 262 -24.02 6.00 5.56
N LEU B 263 -23.76 6.08 6.87
CA LEU B 263 -24.31 7.18 7.65
C LEU B 263 -23.52 8.46 7.43
N ALA B 264 -24.12 9.44 6.75
CA ALA B 264 -23.49 10.72 6.50
C ALA B 264 -23.13 11.45 7.79
N LEU B 265 -21.98 12.12 7.78
CA LEU B 265 -21.52 12.89 8.99
C LEU B 265 -20.87 14.15 8.56
N PRO B 266 -21.10 15.26 9.31
CA PRO B 266 -20.52 16.50 8.93
C PRO B 266 -18.98 16.42 9.09
N ILE B 267 -18.25 17.12 8.26
CA ILE B 267 -16.80 17.17 8.39
C ILE B 267 -16.49 18.40 9.17
N LEU B 268 -16.56 18.23 10.50
CA LEU B 268 -16.40 19.35 11.45
C LEU B 268 -14.95 19.68 11.74
N ALA B 269 -14.50 20.77 11.13
CA ALA B 269 -13.18 21.32 11.31
C ALA B 269 -12.86 21.69 12.80
N ASP B 270 -13.83 22.20 13.53
CA ASP B 270 -13.62 22.54 14.96
C ASP B 270 -13.59 21.27 15.75
N GLU B 271 -12.49 21.05 16.49
CA GLU B 271 -12.28 19.84 17.23
C GLU B 271 -12.11 20.13 18.70
N HIS B 272 -12.78 19.33 19.52
CA HIS B 272 -12.90 19.59 20.99
C HIS B 272 -12.15 18.62 21.86
N TYR B 273 -11.76 19.09 23.04
CA TYR B 273 -10.83 18.34 23.95
C TYR B 273 -11.18 18.51 25.43
N VAL B 274 -10.89 17.48 26.21
CA VAL B 274 -10.94 17.53 27.64
C VAL B 274 -9.53 17.48 28.18
N LEU B 275 -9.18 18.40 29.11
CA LEU B 275 -7.87 18.42 29.71
C LEU B 275 -7.85 17.34 30.77
N ALA B 276 -7.07 16.30 30.55
CA ALA B 276 -6.98 15.18 31.50
C ALA B 276 -5.79 15.28 32.44
N GLY B 277 -4.77 16.00 32.03
CA GLY B 277 -3.57 16.24 32.85
C GLY B 277 -2.93 17.53 32.56
N GLY B 278 -2.46 18.20 33.61
CA GLY B 278 -1.79 19.47 33.46
C GLY B 278 -2.70 20.63 33.82
N SER B 279 -2.21 21.83 33.62
CA SER B 279 -2.96 23.03 33.93
C SER B 279 -3.40 23.76 32.68
N ALA B 280 -4.64 24.21 32.66
CA ALA B 280 -5.15 24.98 31.53
C ALA B 280 -4.53 26.32 31.43
N GLY B 281 -4.42 26.86 30.22
CA GLY B 281 -4.10 28.27 30.04
C GLY B 281 -5.42 29.10 30.03
N ALA B 282 -5.39 30.24 29.38
CA ALA B 282 -6.52 31.19 29.33
C ALA B 282 -7.73 30.56 28.68
N ARG B 283 -8.90 30.73 29.30
CA ARG B 283 -10.16 30.27 28.79
C ARG B 283 -11.01 31.42 28.22
N ASP B 284 -11.85 31.11 27.24
CA ASP B 284 -12.70 32.13 26.61
C ASP B 284 -14.06 32.20 27.31
N GLU B 285 -15.05 32.82 26.68
CA GLU B 285 -16.37 33.02 27.31
C GLU B 285 -17.09 31.72 27.49
N ARG B 286 -16.69 30.68 26.75
CA ARG B 286 -17.34 29.38 26.88
C ARG B 286 -16.74 28.59 27.98
N GLY B 287 -15.69 29.14 28.59
CA GLY B 287 -14.86 28.37 29.51
C GLY B 287 -13.84 27.47 28.79
N TRP B 288 -13.54 27.79 27.53
CA TRP B 288 -12.64 26.88 26.73
C TRP B 288 -11.33 27.50 26.45
N GLU B 289 -10.25 26.72 26.60
CA GLU B 289 -9.02 27.10 25.93
C GLU B 289 -9.25 27.09 24.42
N THR B 290 -8.53 27.93 23.69
CA THR B 290 -8.62 27.93 22.22
C THR B 290 -7.31 27.53 21.57
N ASP B 291 -6.42 26.98 22.37
CA ASP B 291 -5.07 26.51 21.92
C ASP B 291 -4.63 25.42 22.88
N LEU B 292 -4.30 24.23 22.36
CA LEU B 292 -3.80 23.22 23.21
C LEU B 292 -2.51 23.61 23.89
N LEU B 293 -1.80 24.55 23.33
CA LEU B 293 -0.48 24.96 23.86
C LEU B 293 -0.64 26.07 24.90
N ALA B 294 -1.89 26.40 25.21
CA ALA B 294 -2.16 27.59 26.05
C ALA B 294 -1.52 27.41 27.41
N GLY B 295 -0.84 28.47 27.83
CA GLY B 295 -0.24 28.54 29.15
C GLY B 295 1.18 28.02 29.21
N LEU B 296 1.65 27.43 28.10
CA LEU B 296 2.98 26.89 28.01
C LEU B 296 4.05 27.88 27.56
N GLY B 297 3.67 29.10 27.18
CA GLY B 297 4.65 30.17 26.96
C GLY B 297 5.21 30.33 25.57
N PHE B 298 4.60 29.69 24.62
CA PHE B 298 4.98 29.89 23.25
C PHE B 298 4.43 31.25 22.76
O1 PE4 C . 6.95 8.80 1.29
C1 PE4 C . 6.08 8.87 0.16
C2 PE4 C . 5.40 7.53 -0.03
O2 PE4 C . 4.34 7.52 -0.95
C3 PE4 C . 4.46 6.47 -1.95
C4 PE4 C . 4.43 5.12 -1.32
O3 PE4 C . 4.78 4.11 -2.18
C5 PE4 C . 4.96 2.83 -1.50
C6 PE4 C . 3.83 2.54 -0.61
O4 PE4 C . 3.72 1.25 -0.11
C7 PE4 C . 2.52 1.07 0.66
C8 PE4 C . 1.39 0.79 -0.14
O5 PE4 C . 0.18 0.56 0.45
C9 PE4 C . -0.96 0.73 -0.41
C10 PE4 C . -1.24 2.15 -0.58
O6 PE4 C . -2.43 2.49 -1.14
C11 PE4 C . -2.61 3.91 -1.16
C12 PE4 C . -1.78 4.61 -2.13
O7 PE4 C . -1.80 5.99 -2.01
C13 PE4 C . -0.70 6.64 -2.60
C14 PE4 C . -0.40 6.43 -4.05
O8 PE4 C . -1.53 6.22 -4.87
C15 PE4 C . -1.22 6.23 -6.27
C16 PE4 C . -2.44 6.35 -7.14
C1 GOL D . -1.43 3.57 -19.78
O1 GOL D . -1.05 3.82 -18.43
C2 GOL D . -1.10 2.13 -20.10
O2 GOL D . -1.33 1.31 -18.91
C3 GOL D . 0.37 2.12 -20.47
O3 GOL D . 0.59 2.55 -21.81
ZN ZN E . 8.16 -13.64 -8.79
C ACT F . 10.33 -12.65 -7.65
O ACT F . 10.02 -13.76 -8.08
OXT ACT F . 9.42 -11.81 -7.46
CH3 ACT F . 11.76 -12.24 -7.41
C1 GOL G . 7.57 -13.59 -3.90
O1 GOL G . 6.78 -12.80 -3.00
C2 GOL G . 8.68 -14.23 -3.12
O2 GOL G . 9.55 -14.90 -4.07
C3 GOL G . 8.06 -15.25 -2.23
O3 GOL G . 7.34 -16.28 -2.97
C1 GOL H . -0.79 -17.30 -30.42
O1 GOL H . -2.08 -16.72 -30.25
C2 GOL H . -0.97 -18.44 -31.44
O2 GOL H . 0.25 -19.19 -31.51
C3 GOL H . -1.37 -17.98 -32.86
O3 GOL H . -1.10 -16.59 -33.02
C1 GOL I . 8.07 -3.42 -37.22
O1 GOL I . 9.35 -3.68 -36.54
C2 GOL I . 7.95 -4.03 -38.63
O2 GOL I . 7.95 -5.42 -38.56
C3 GOL I . 6.71 -3.60 -39.33
O3 GOL I . 6.03 -4.79 -39.58
ZN ZN J . -10.34 3.35 15.22
C ACT K . -12.07 3.76 13.28
O ACT K . -12.10 3.51 14.50
OXT ACT K . -10.95 3.76 12.67
CH3 ACT K . -13.36 4.11 12.58
C1 GOL L . -10.73 -0.47 11.65
O1 GOL L . -9.73 -1.37 11.17
C2 GOL L . -11.79 -1.35 12.25
O2 GOL L . -12.93 -0.58 12.58
C3 GOL L . -11.21 -1.79 13.58
O3 GOL L . -11.79 -3.04 13.88
C1 GOL M . 5.41 17.58 11.04
O1 GOL M . 5.58 18.28 12.27
C2 GOL M . 6.68 16.77 10.76
O2 GOL M . 6.53 16.08 9.50
C3 GOL M . 6.93 15.73 11.81
O3 GOL M . 5.95 14.70 11.58
C1 GOL N . 1.46 16.32 34.60
O1 GOL N . 1.65 17.71 34.32
C2 GOL N . 0.22 15.83 33.87
O2 GOL N . -0.82 15.68 34.86
C3 GOL N . 0.46 14.49 33.11
O3 GOL N . 1.80 14.52 32.53
C1 GOL O . -1.98 31.16 26.63
O1 GOL O . -2.42 31.63 27.95
C2 GOL O . -0.54 31.58 26.26
O2 GOL O . -0.10 30.89 25.12
C3 GOL O . 0.51 31.33 27.33
O3 GOL O . 1.75 31.23 26.70
C1 GOL P . -22.43 25.84 22.55
O1 GOL P . -23.46 25.74 21.58
C2 GOL P . -21.53 27.00 22.19
O2 GOL P . -20.44 26.99 23.13
C3 GOL P . -21.10 26.76 20.78
O3 GOL P . -19.90 27.49 20.45
O1 PE4 Q . 6.90 9.50 4.10
C1 PE4 Q . 7.06 8.37 4.95
C2 PE4 Q . 6.82 7.05 4.19
O2 PE4 Q . 7.22 5.90 4.96
C3 PE4 Q . 6.91 5.98 6.36
C4 PE4 Q . 7.18 4.74 7.14
O3 PE4 Q . 7.57 4.99 8.53
C5 PE4 Q . 6.81 4.34 9.56
C6 PE4 Q . 6.82 2.84 9.66
O4 PE4 Q . 6.19 2.26 10.81
C7 PE4 Q . 6.43 3.04 11.96
C8 PE4 Q . 6.72 2.28 13.24
O5 PE4 Q . 7.53 3.06 14.12
C9 PE4 Q . 7.34 2.64 15.52
C10 PE4 Q . 8.59 2.37 16.23
O6 PE4 Q . 9.55 1.62 15.41
C11 PE4 Q . 9.83 0.25 15.79
C12 PE4 Q . 10.17 0.06 17.28
O7 PE4 Q . 9.89 -1.27 17.72
C13 PE4 Q . 10.17 -1.40 19.14
C14 PE4 Q . 9.51 -0.31 20.00
O8 PE4 Q . 9.61 -0.50 21.43
C15 PE4 Q . 10.58 0.32 22.08
C16 PE4 Q . 10.76 -0.10 23.55
#